data_5O6X
#
_entry.id   5O6X
#
_cell.length_a   91.132
_cell.length_b   91.132
_cell.length_c   133.345
_cell.angle_alpha   90.00
_cell.angle_beta   90.00
_cell.angle_gamma   90.00
#
_symmetry.space_group_name_H-M   'I 4 2 2'
#
loop_
_entity.id
_entity.type
_entity.pdbx_description
1 polymer '17-beta-hydroxysteroid dehydrogenase 14'
2 non-polymer NICOTINAMIDE-ADENINE-DINUCLEOTIDE
3 non-polymer 'SODIUM ION'
4 non-polymer beta-D-glucopyranose
5 non-polymer (4-fluoranyl-3-oxidanyl-phenyl)-(6-methylquinolin-2-yl)methanone
6 water water
#
_entity_poly.entity_id   1
_entity_poly.type   'polypeptide(L)'
_entity_poly.pdbx_seq_one_letter_code
;GHMATGTRYAGKVVVVTGGGRGIGAGIVRAFVNSGARVVICDKDESGGRALEQELPGAVFILCDVTQEDDVKTLVSETIR
RFGRLDCVVNNAGHHPPPQRPEETSAQGFRQLLELNLLGTYTLTKLALPYLRKSQGNVINISSLVGAIGQAQAVPYVATK
GAVTAMTKALALDESPYGVRVNCISPGNIWTPLWEELAALMPDPRATIREGMLAQPLGRMGQPAEVGAAAVFLASEANFC
TGIELLVTGGAELGYGCKASRSTPVDAPDIPSGS
;
_entity_poly.pdbx_strand_id   A
#
loop_
_chem_comp.id
_chem_comp.type
_chem_comp.name
_chem_comp.formula
9MK non-polymer (4-fluoranyl-3-oxidanyl-phenyl)-(6-methylquinolin-2-yl)methanone 'C17 H12 F N O2'
BGC D-saccharide, beta linking beta-D-glucopyranose 'C6 H12 O6'
NA non-polymer 'SODIUM ION' 'Na 1'
NAD non-polymer NICOTINAMIDE-ADENINE-DINUCLEOTIDE 'C21 H27 N7 O14 P2'
#
# COMPACT_ATOMS: atom_id res chain seq x y z
N THR A 7 -21.85 1.67 6.46
CA THR A 7 -21.72 0.94 7.71
C THR A 7 -20.94 -0.37 7.55
N ARG A 8 -20.40 -0.61 6.35
CA ARG A 8 -19.76 -1.90 6.06
C ARG A 8 -18.63 -2.21 7.03
N TYR A 9 -17.96 -1.18 7.57
CA TYR A 9 -16.84 -1.40 8.48
C TYR A 9 -16.99 -0.50 9.70
N ALA A 10 -18.23 -0.30 10.12
CA ALA A 10 -18.52 0.55 11.28
C ALA A 10 -17.92 -0.05 12.54
N GLY A 11 -17.43 0.82 13.41
CA GLY A 11 -16.89 0.43 14.69
C GLY A 11 -15.48 -0.08 14.63
N LYS A 12 -14.90 -0.17 13.44
CA LYS A 12 -13.56 -0.71 13.26
C LYS A 12 -12.52 0.41 13.21
N VAL A 13 -11.27 0.04 13.50
CA VAL A 13 -10.15 0.98 13.52
C VAL A 13 -9.10 0.49 12.52
N VAL A 14 -8.68 1.38 11.63
CA VAL A 14 -7.76 1.04 10.54
C VAL A 14 -6.56 1.97 10.58
N VAL A 15 -5.38 1.42 10.39
CA VAL A 15 -4.15 2.21 10.19
C VAL A 15 -3.76 2.12 8.73
N VAL A 16 -3.56 3.26 8.08
CA VAL A 16 -3.07 3.30 6.69
C VAL A 16 -1.72 4.00 6.69
N THR A 17 -0.68 3.29 6.28
CA THR A 17 0.61 3.93 6.16
C THR A 17 0.74 4.63 4.81
N GLY A 18 1.54 5.69 4.78
CA GLY A 18 1.60 6.51 3.59
C GLY A 18 0.26 7.07 3.19
N GLY A 19 -0.59 7.39 4.17
CA GLY A 19 -1.94 7.79 3.92
C GLY A 19 -2.14 9.24 3.56
N GLY A 20 -1.07 10.03 3.45
CA GLY A 20 -1.24 11.47 3.26
C GLY A 20 -1.55 11.91 1.85
N ARG A 21 -1.28 11.09 0.85
CA ARG A 21 -1.56 11.44 -0.54
C ARG A 21 -1.68 10.14 -1.35
N GLY A 22 -2.04 10.29 -2.62
CA GLY A 22 -1.97 9.16 -3.53
C GLY A 22 -2.92 8.03 -3.16
N ILE A 23 -2.47 6.81 -3.41
CA ILE A 23 -3.27 5.63 -3.12
C ILE A 23 -3.65 5.60 -1.65
N GLY A 24 -2.70 5.88 -0.77
CA GLY A 24 -2.98 5.84 0.66
C GLY A 24 -4.12 6.74 1.06
N ALA A 25 -4.15 7.97 0.55
CA ALA A 25 -5.25 8.87 0.85
C ALA A 25 -6.57 8.32 0.31
N GLY A 26 -6.55 7.71 -0.87
CA GLY A 26 -7.75 7.07 -1.39
C GLY A 26 -8.24 5.95 -0.49
N ILE A 27 -7.31 5.18 0.07
CA ILE A 27 -7.68 4.10 0.99
C ILE A 27 -8.25 4.69 2.27
N VAL A 28 -7.63 5.74 2.80
CA VAL A 28 -8.18 6.42 3.98
C VAL A 28 -9.63 6.83 3.72
N ARG A 29 -9.87 7.51 2.59
CA ARG A 29 -11.21 8.00 2.31
C ARG A 29 -12.19 6.83 2.21
N ALA A 30 -11.80 5.74 1.56
CA ALA A 30 -12.72 4.62 1.40
C ALA A 30 -13.09 4.02 2.74
N PHE A 31 -12.12 3.90 3.65
CA PHE A 31 -12.43 3.37 4.97
C PHE A 31 -13.30 4.31 5.80
N VAL A 32 -13.02 5.62 5.77
CA VAL A 32 -13.89 6.56 6.45
C VAL A 32 -15.32 6.46 5.90
N ASN A 33 -15.45 6.36 4.59
CA ASN A 33 -16.76 6.25 3.98
C ASN A 33 -17.48 4.97 4.38
N SER A 34 -16.76 3.94 4.78
N SER A 34 -16.74 3.94 4.78
CA SER A 34 -17.37 2.68 5.22
CA SER A 34 -17.32 2.68 5.21
C SER A 34 -17.57 2.63 6.72
C SER A 34 -17.72 2.68 6.68
N GLY A 35 -17.42 3.75 7.42
CA GLY A 35 -17.77 3.86 8.82
C GLY A 35 -16.64 3.64 9.79
N ALA A 36 -15.43 3.38 9.31
CA ALA A 36 -14.32 3.11 10.21
C ALA A 36 -13.68 4.41 10.68
N ARG A 37 -12.98 4.31 11.80
CA ARG A 37 -12.03 5.33 12.22
C ARG A 37 -10.66 4.96 11.67
N VAL A 38 -9.94 5.96 11.18
CA VAL A 38 -8.71 5.72 10.44
C VAL A 38 -7.59 6.55 11.03
N VAL A 39 -6.45 5.91 11.24
CA VAL A 39 -5.20 6.57 11.58
C VAL A 39 -4.39 6.69 10.31
N ILE A 40 -4.11 7.92 9.92
CA ILE A 40 -3.28 8.23 8.77
C ILE A 40 -1.85 8.31 9.28
N CYS A 41 -1.01 7.36 8.86
CA CYS A 41 0.42 7.41 9.13
C CYS A 41 1.12 7.98 7.90
N ASP A 42 2.03 8.92 8.11
CA ASP A 42 2.87 9.38 7.01
C ASP A 42 4.13 10.00 7.60
N LYS A 43 5.21 9.97 6.83
N LYS A 43 5.21 9.92 6.83
CA LYS A 43 6.42 10.69 7.22
CA LYS A 43 6.47 10.52 7.26
C LYS A 43 6.34 12.17 6.88
C LYS A 43 6.45 12.04 7.09
N ASP A 44 5.35 12.59 6.09
N ASP A 44 5.62 12.54 6.17
CA ASP A 44 5.20 13.96 5.62
CA ASP A 44 5.45 13.97 5.96
C ASP A 44 3.93 14.52 6.25
C ASP A 44 4.09 14.41 6.48
N GLU A 45 4.04 15.65 6.94
CA GLU A 45 2.88 16.20 7.62
C GLU A 45 1.87 16.81 6.68
N SER A 46 2.29 17.34 5.53
CA SER A 46 1.44 18.28 4.79
C SER A 46 0.11 17.65 4.38
N GLY A 47 0.15 16.54 3.64
CA GLY A 47 -1.08 15.97 3.14
C GLY A 47 -1.91 15.35 4.25
N GLY A 48 -1.25 14.61 5.14
CA GLY A 48 -1.97 13.90 6.18
C GLY A 48 -2.65 14.82 7.18
N ARG A 49 -2.01 15.94 7.55
CA ARG A 49 -2.65 16.87 8.47
C ARG A 49 -3.89 17.49 7.84
N ALA A 50 -3.81 17.84 6.56
CA ALA A 50 -4.98 18.41 5.89
C ALA A 50 -6.10 17.37 5.81
N LEU A 51 -5.74 16.11 5.57
CA LEU A 51 -6.74 15.05 5.47
C LEU A 51 -7.44 14.85 6.81
N GLU A 52 -6.72 14.91 7.93
N GLU A 52 -6.71 14.98 7.92
CA GLU A 52 -7.39 14.85 9.22
CA GLU A 52 -7.30 14.86 9.24
C GLU A 52 -8.42 15.96 9.34
C GLU A 52 -8.30 15.99 9.51
N GLN A 53 -8.03 17.19 8.99
CA GLN A 53 -8.97 18.30 9.15
C GLN A 53 -10.20 18.09 8.29
N GLU A 54 -10.02 17.49 7.13
CA GLU A 54 -11.10 17.32 6.19
C GLU A 54 -12.06 16.21 6.60
N LEU A 55 -11.53 15.12 7.17
CA LEU A 55 -12.31 13.92 7.40
C LEU A 55 -12.58 13.70 8.88
N PRO A 56 -13.81 13.91 9.34
CA PRO A 56 -14.15 13.42 10.67
C PRO A 56 -14.04 11.92 10.66
N GLY A 57 -13.41 11.39 11.68
CA GLY A 57 -13.14 9.97 11.73
C GLY A 57 -11.73 9.59 11.36
N ALA A 58 -10.94 10.50 10.78
CA ALA A 58 -9.53 10.24 10.51
C ALA A 58 -8.66 11.18 11.34
N VAL A 59 -7.56 10.63 11.85
CA VAL A 59 -6.55 11.41 12.57
C VAL A 59 -5.18 11.10 11.98
N PHE A 60 -4.27 12.06 12.10
CA PHE A 60 -2.93 11.94 11.55
C PHE A 60 -1.92 11.68 12.65
N ILE A 61 -1.04 10.72 12.41
CA ILE A 61 0.10 10.45 13.29
C ILE A 61 1.36 10.41 12.44
N LEU A 62 2.30 11.30 12.74
CA LEU A 62 3.58 11.35 12.05
C LEU A 62 4.36 10.09 12.39
N CYS A 63 4.77 9.36 11.36
CA CYS A 63 5.47 8.10 11.58
C CYS A 63 6.19 7.72 10.29
N ASP A 64 7.49 7.51 10.40
CA ASP A 64 8.30 6.98 9.32
C ASP A 64 8.41 5.48 9.56
N VAL A 65 7.83 4.68 8.65
CA VAL A 65 7.76 3.24 8.87
C VAL A 65 9.11 2.55 8.87
N THR A 66 10.18 3.22 8.42
CA THR A 66 11.51 2.63 8.49
C THR A 66 12.13 2.78 9.87
N GLN A 67 11.50 3.51 10.78
CA GLN A 67 12.04 3.78 12.09
C GLN A 67 11.20 2.99 13.10
N GLU A 68 11.82 1.97 13.69
CA GLU A 68 11.08 1.05 14.55
C GLU A 68 10.37 1.76 15.69
N ASP A 69 11.03 2.74 16.30
CA ASP A 69 10.38 3.41 17.43
C ASP A 69 9.19 4.25 16.98
N ASP A 70 9.24 4.83 15.77
CA ASP A 70 8.08 5.52 15.24
C ASP A 70 6.90 4.58 15.11
N VAL A 71 7.15 3.36 14.65
CA VAL A 71 6.07 2.41 14.43
C VAL A 71 5.53 1.91 15.76
N LYS A 72 6.41 1.68 16.73
N LYS A 72 6.41 1.68 16.74
CA LYS A 72 5.95 1.30 18.07
CA LYS A 72 5.93 1.30 18.06
C LYS A 72 4.98 2.35 18.61
C LYS A 72 4.99 2.34 18.62
N THR A 73 5.33 3.62 18.45
CA THR A 73 4.49 4.70 18.94
C THR A 73 3.19 4.79 18.15
N LEU A 74 3.25 4.54 16.83
CA LEU A 74 2.05 4.53 16.01
C LEU A 74 1.05 3.53 16.55
N VAL A 75 1.50 2.32 16.85
CA VAL A 75 0.59 1.29 17.36
C VAL A 75 0.09 1.64 18.75
N SER A 76 1.00 2.05 19.65
CA SER A 76 0.56 2.32 21.01
C SER A 76 -0.40 3.51 21.05
N GLU A 77 -0.17 4.52 20.23
CA GLU A 77 -1.09 5.65 20.17
C GLU A 77 -2.43 5.28 19.56
N THR A 78 -2.45 4.41 18.55
CA THR A 78 -3.72 3.95 17.99
C THR A 78 -4.55 3.25 19.06
N ILE A 79 -3.92 2.36 19.82
CA ILE A 79 -4.64 1.64 20.87
C ILE A 79 -5.06 2.60 21.98
N ARG A 80 -4.18 3.50 22.39
CA ARG A 80 -4.53 4.43 23.46
C ARG A 80 -5.72 5.30 23.06
N ARG A 81 -5.77 5.74 21.81
CA ARG A 81 -6.79 6.69 21.40
C ARG A 81 -8.09 6.01 20.99
N PHE A 82 -8.04 4.80 20.45
CA PHE A 82 -9.21 4.18 19.86
C PHE A 82 -9.60 2.84 20.45
N GLY A 83 -8.73 2.22 21.25
CA GLY A 83 -9.12 1.07 22.04
C GLY A 83 -9.09 -0.27 21.33
N ARG A 84 -8.73 -0.32 20.04
CA ARG A 84 -8.71 -1.56 19.29
C ARG A 84 -8.01 -1.27 17.98
N LEU A 85 -7.67 -2.34 17.26
CA LEU A 85 -7.08 -2.22 15.93
C LEU A 85 -7.57 -3.40 15.11
N ASP A 86 -8.20 -3.10 13.98
CA ASP A 86 -8.85 -4.12 13.14
C ASP A 86 -8.17 -4.37 11.81
N CYS A 87 -7.48 -3.40 11.26
CA CYS A 87 -6.90 -3.55 9.94
C CYS A 87 -5.69 -2.67 9.82
N VAL A 88 -4.61 -3.22 9.28
N VAL A 88 -4.58 -3.20 9.32
CA VAL A 88 -3.42 -2.47 8.91
CA VAL A 88 -3.43 -2.39 8.94
C VAL A 88 -3.30 -2.52 7.40
C VAL A 88 -3.24 -2.50 7.43
N VAL A 89 -3.16 -1.36 6.78
CA VAL A 89 -2.93 -1.26 5.34
C VAL A 89 -1.52 -0.72 5.17
N ASN A 90 -0.62 -1.58 4.70
CA ASN A 90 0.78 -1.23 4.49
C ASN A 90 0.92 -0.71 3.07
N ASN A 91 0.73 0.60 2.93
CA ASN A 91 0.75 1.27 1.64
C ASN A 91 2.00 2.10 1.41
N ALA A 92 2.66 2.59 2.46
CA ALA A 92 3.87 3.37 2.27
C ALA A 92 4.86 2.62 1.41
N GLY A 93 5.41 3.30 0.41
CA GLY A 93 6.35 2.68 -0.50
C GLY A 93 6.76 3.72 -1.52
N HIS A 94 7.76 3.35 -2.32
CA HIS A 94 8.30 4.27 -3.30
C HIS A 94 8.79 3.51 -4.52
N HIS A 95 8.68 4.16 -5.68
CA HIS A 95 9.27 3.68 -6.92
C HIS A 95 10.33 4.68 -7.32
N PRO A 96 11.61 4.31 -7.36
CA PRO A 96 12.66 5.23 -7.79
C PRO A 96 12.50 5.61 -9.25
N PRO A 97 13.16 6.66 -9.71
CA PRO A 97 13.21 6.92 -11.14
C PRO A 97 13.76 5.72 -11.88
N PRO A 98 13.42 5.56 -13.16
CA PRO A 98 13.99 4.46 -13.95
C PRO A 98 15.51 4.42 -13.81
N GLN A 99 16.03 3.22 -13.59
CA GLN A 99 17.45 3.01 -13.38
C GLN A 99 17.86 1.72 -14.07
N ARG A 100 18.86 1.82 -14.94
CA ARG A 100 19.43 0.63 -15.55
C ARG A 100 20.11 -0.21 -14.47
N PRO A 101 20.20 -1.54 -14.67
CA PRO A 101 20.76 -2.37 -13.60
C PRO A 101 22.15 -1.93 -13.17
N GLU A 102 22.99 -1.53 -14.12
CA GLU A 102 24.36 -1.15 -13.77
C GLU A 102 24.42 0.20 -13.05
N GLU A 103 23.33 0.96 -13.06
CA GLU A 103 23.24 2.24 -12.35
C GLU A 103 22.68 2.08 -10.93
N THR A 104 22.16 0.91 -10.59
CA THR A 104 21.68 0.68 -9.24
C THR A 104 22.86 0.39 -8.32
N SER A 105 22.62 0.44 -7.02
CA SER A 105 23.63 0.09 -6.04
C SER A 105 23.01 -0.80 -4.96
N ALA A 106 23.83 -1.62 -4.34
CA ALA A 106 23.38 -2.38 -3.18
C ALA A 106 22.88 -1.44 -2.09
N GLN A 107 23.52 -0.28 -1.94
CA GLN A 107 23.10 0.68 -0.95
C GLN A 107 21.68 1.18 -1.22
N GLY A 108 21.41 1.58 -2.47
CA GLY A 108 20.07 2.02 -2.80
C GLY A 108 19.04 0.92 -2.69
N PHE A 109 19.44 -0.29 -3.06
CA PHE A 109 18.57 -1.46 -2.95
C PHE A 109 18.21 -1.71 -1.48
N ARG A 110 19.20 -1.67 -0.58
CA ARG A 110 18.92 -1.82 0.84
C ARG A 110 17.96 -0.75 1.35
N GLN A 111 18.14 0.49 0.91
CA GLN A 111 17.26 1.55 1.39
C GLN A 111 15.84 1.32 0.92
N LEU A 112 15.67 0.86 -0.33
CA LEU A 112 14.32 0.60 -0.83
C LEU A 112 13.69 -0.59 -0.14
N LEU A 113 14.49 -1.61 0.19
CA LEU A 113 13.99 -2.73 0.98
C LEU A 113 13.51 -2.25 2.35
N GLU A 114 14.23 -1.31 2.96
CA GLU A 114 13.81 -0.80 4.27
C GLU A 114 12.41 -0.24 4.22
N LEU A 115 12.10 0.52 3.17
CA LEU A 115 10.78 1.12 3.08
C LEU A 115 9.73 0.11 2.59
N ASN A 116 9.93 -0.43 1.38
CA ASN A 116 8.87 -1.17 0.72
C ASN A 116 8.61 -2.52 1.37
N LEU A 117 9.62 -3.13 1.98
CA LEU A 117 9.48 -4.46 2.56
C LEU A 117 9.53 -4.44 4.08
N LEU A 118 10.60 -3.92 4.67
CA LEU A 118 10.77 -4.03 6.12
C LEU A 118 9.82 -3.14 6.90
N GLY A 119 9.42 -1.99 6.34
CA GLY A 119 8.44 -1.16 7.02
C GLY A 119 7.11 -1.89 7.15
N THR A 120 6.72 -2.59 6.09
CA THR A 120 5.54 -3.43 6.11
C THR A 120 5.67 -4.54 7.14
N TYR A 121 6.83 -5.21 7.15
CA TYR A 121 7.08 -6.25 8.13
C TYR A 121 6.98 -5.71 9.56
N THR A 122 7.58 -4.56 9.83
CA THR A 122 7.66 -4.03 11.19
C THR A 122 6.29 -3.66 11.73
N LEU A 123 5.51 -2.89 10.97
CA LEU A 123 4.18 -2.53 11.45
C LEU A 123 3.33 -3.78 11.63
N THR A 124 3.38 -4.71 10.68
CA THR A 124 2.57 -5.91 10.79
C THR A 124 2.91 -6.65 12.07
N LYS A 125 4.20 -6.82 12.37
CA LYS A 125 4.62 -7.54 13.58
C LYS A 125 4.09 -6.85 14.84
N LEU A 126 4.23 -5.53 14.91
CA LEU A 126 3.78 -4.82 16.11
C LEU A 126 2.27 -4.82 16.23
N ALA A 127 1.56 -4.86 15.11
CA ALA A 127 0.10 -4.81 15.13
C ALA A 127 -0.53 -6.16 15.39
N LEU A 128 0.15 -7.26 15.05
CA LEU A 128 -0.50 -8.57 15.08
C LEU A 128 -1.11 -8.96 16.42
N PRO A 129 -0.50 -8.67 17.57
CA PRO A 129 -1.17 -9.04 18.83
C PRO A 129 -2.56 -8.42 18.95
N TYR A 130 -2.71 -7.20 18.47
CA TYR A 130 -4.00 -6.51 18.53
C TYR A 130 -4.95 -7.04 17.46
N LEU A 131 -4.43 -7.34 16.26
CA LEU A 131 -5.27 -7.94 15.23
C LEU A 131 -5.78 -9.31 15.64
N ARG A 132 -4.98 -10.07 16.39
CA ARG A 132 -5.48 -11.35 16.86
C ARG A 132 -6.66 -11.16 17.82
N LYS A 133 -6.60 -10.13 18.67
CA LYS A 133 -7.68 -9.89 19.61
C LYS A 133 -8.98 -9.51 18.89
N SER A 134 -8.88 -8.80 17.78
CA SER A 134 -10.05 -8.32 17.06
C SER A 134 -10.42 -9.21 15.89
N GLN A 135 -9.68 -10.30 15.65
CA GLN A 135 -9.86 -11.09 14.43
C GLN A 135 -9.79 -10.18 13.19
N GLY A 136 -8.80 -9.29 13.21
CA GLY A 136 -8.61 -8.29 12.17
C GLY A 136 -7.83 -8.86 11.01
N ASN A 137 -7.31 -7.97 10.18
CA ASN A 137 -6.67 -8.41 8.94
C ASN A 137 -5.59 -7.40 8.52
N VAL A 138 -4.69 -7.89 7.67
CA VAL A 138 -3.59 -7.13 7.11
C VAL A 138 -3.80 -7.03 5.61
N ILE A 139 -3.60 -5.83 5.06
CA ILE A 139 -3.64 -5.59 3.63
C ILE A 139 -2.34 -4.93 3.23
N ASN A 140 -1.54 -5.61 2.42
CA ASN A 140 -0.31 -5.05 1.90
C ASN A 140 -0.52 -4.54 0.49
N ILE A 141 0.00 -3.35 0.19
CA ILE A 141 -0.03 -2.81 -1.17
C ILE A 141 1.28 -3.20 -1.84
N SER A 142 1.19 -4.17 -2.74
CA SER A 142 2.34 -4.66 -3.48
C SER A 142 2.39 -3.95 -4.84
N SER A 143 2.52 -4.67 -5.95
CA SER A 143 2.64 -4.09 -7.27
C SER A 143 2.52 -5.21 -8.29
N LEU A 144 1.80 -4.94 -9.37
CA LEU A 144 1.74 -5.90 -10.47
C LEU A 144 3.12 -6.32 -10.95
N VAL A 145 4.06 -5.39 -11.01
CA VAL A 145 5.37 -5.74 -11.56
C VAL A 145 6.17 -6.65 -10.66
N GLY A 146 5.79 -6.84 -9.39
CA GLY A 146 6.38 -7.91 -8.63
C GLY A 146 6.16 -9.27 -9.25
N ALA A 147 5.03 -9.42 -9.96
CA ALA A 147 4.63 -10.68 -10.58
C ALA A 147 5.17 -10.82 -12.00
N ILE A 148 5.22 -9.73 -12.76
CA ILE A 148 5.52 -9.79 -14.19
C ILE A 148 6.81 -9.11 -14.58
N GLY A 149 7.47 -8.39 -13.68
CA GLY A 149 8.66 -7.63 -14.02
C GLY A 149 8.33 -6.27 -14.63
N GLN A 150 9.34 -5.40 -14.62
CA GLN A 150 9.28 -4.08 -15.21
C GLN A 150 10.69 -3.73 -15.64
N ALA A 151 10.81 -2.94 -16.70
CA ALA A 151 12.11 -2.45 -17.13
C ALA A 151 12.63 -1.35 -16.22
N GLN A 152 13.95 -1.30 -16.08
CA GLN A 152 14.65 -0.23 -15.37
C GLN A 152 14.16 -0.07 -13.93
N ALA A 153 13.98 -1.20 -13.26
CA ALA A 153 13.41 -1.20 -11.92
C ALA A 153 13.78 -2.45 -11.12
N VAL A 154 15.01 -2.93 -11.24
CA VAL A 154 15.39 -4.17 -10.57
C VAL A 154 15.13 -4.09 -9.07
N PRO A 155 15.60 -3.09 -8.34
CA PRO A 155 15.33 -3.05 -6.89
C PRO A 155 13.86 -2.98 -6.57
N TYR A 156 13.12 -2.10 -7.24
CA TYR A 156 11.70 -1.96 -6.95
C TYR A 156 10.96 -3.28 -7.14
N VAL A 157 11.17 -3.92 -8.30
CA VAL A 157 10.49 -5.17 -8.60
C VAL A 157 10.80 -6.21 -7.53
N ALA A 158 12.08 -6.32 -7.14
CA ALA A 158 12.45 -7.26 -6.10
C ALA A 158 11.70 -7.00 -4.81
N THR A 159 11.59 -5.72 -4.40
CA THR A 159 10.92 -5.43 -3.14
C THR A 159 9.46 -5.88 -3.18
N LYS A 160 8.80 -5.70 -4.33
CA LYS A 160 7.38 -6.02 -4.43
C LYS A 160 7.16 -7.51 -4.60
N GLY A 161 8.04 -8.23 -5.29
CA GLY A 161 7.98 -9.68 -5.24
C GLY A 161 8.07 -10.19 -3.82
N ALA A 162 8.93 -9.56 -3.01
CA ALA A 162 9.05 -9.95 -1.61
C ALA A 162 7.77 -9.70 -0.83
N VAL A 163 7.12 -8.55 -1.06
CA VAL A 163 5.88 -8.24 -0.33
C VAL A 163 4.80 -9.26 -0.65
N THR A 164 4.62 -9.57 -1.93
CA THR A 164 3.57 -10.52 -2.31
C THR A 164 3.83 -11.89 -1.69
N ALA A 165 5.08 -12.35 -1.74
CA ALA A 165 5.42 -13.64 -1.17
C ALA A 165 5.24 -13.64 0.34
N MET A 166 5.72 -12.59 1.00
CA MET A 166 5.59 -12.47 2.45
C MET A 166 4.13 -12.51 2.88
N THR A 167 3.25 -11.88 2.09
CA THR A 167 1.82 -11.92 2.36
C THR A 167 1.32 -13.37 2.45
N LYS A 168 1.75 -14.22 1.53
CA LYS A 168 1.32 -15.62 1.52
C LYS A 168 1.87 -16.39 2.72
N ALA A 169 3.14 -16.19 3.05
CA ALA A 169 3.73 -16.86 4.21
C ALA A 169 3.01 -16.45 5.50
N LEU A 170 2.77 -15.16 5.68
CA LEU A 170 2.13 -14.70 6.90
C LEU A 170 0.68 -15.17 6.95
N ALA A 171 0.00 -15.21 5.81
CA ALA A 171 -1.35 -15.74 5.80
C ALA A 171 -1.38 -17.17 6.35
N LEU A 172 -0.40 -17.99 5.96
CA LEU A 172 -0.34 -19.34 6.49
C LEU A 172 -0.15 -19.32 8.00
N ASP A 173 0.78 -18.50 8.47
CA ASP A 173 1.10 -18.50 9.90
C ASP A 173 -0.04 -17.96 10.75
N GLU A 174 -0.79 -16.99 10.25
CA GLU A 174 -1.81 -16.34 11.07
C GLU A 174 -3.19 -16.94 10.90
N SER A 175 -3.35 -17.85 9.93
CA SER A 175 -4.66 -18.49 9.74
C SER A 175 -5.19 -19.19 10.98
N PRO A 176 -4.39 -19.92 11.78
CA PRO A 176 -4.95 -20.56 12.97
C PRO A 176 -5.47 -19.58 13.97
N TYR A 177 -5.06 -18.32 13.88
CA TYR A 177 -5.44 -17.31 14.84
C TYR A 177 -6.56 -16.42 14.31
N GLY A 178 -7.08 -16.71 13.12
CA GLY A 178 -8.19 -15.97 12.57
C GLY A 178 -7.85 -14.63 11.98
N VAL A 179 -6.58 -14.36 11.69
CA VAL A 179 -6.17 -13.11 11.07
C VAL A 179 -5.85 -13.39 9.61
N ARG A 180 -6.58 -12.74 8.71
CA ARG A 180 -6.34 -12.84 7.28
C ARG A 180 -5.29 -11.83 6.86
N VAL A 181 -4.51 -12.23 5.85
CA VAL A 181 -3.41 -11.41 5.34
C VAL A 181 -3.48 -11.47 3.82
N ASN A 182 -3.71 -10.33 3.19
CA ASN A 182 -3.93 -10.27 1.75
C ASN A 182 -3.13 -9.12 1.17
N CYS A 183 -2.97 -9.10 -0.15
CA CYS A 183 -2.33 -7.97 -0.79
C CYS A 183 -3.14 -7.52 -2.00
N ILE A 184 -2.95 -6.25 -2.32
CA ILE A 184 -3.46 -5.65 -3.56
C ILE A 184 -2.24 -5.32 -4.39
N SER A 185 -2.27 -5.72 -5.66
CA SER A 185 -1.21 -5.38 -6.60
C SER A 185 -1.77 -4.38 -7.60
N PRO A 186 -1.57 -3.09 -7.39
CA PRO A 186 -1.99 -2.10 -8.39
C PRO A 186 -1.06 -2.14 -9.59
N GLY A 187 -1.60 -1.72 -10.72
CA GLY A 187 -0.84 -1.35 -11.89
C GLY A 187 -0.64 0.15 -11.89
N ASN A 188 -0.73 0.76 -13.07
CA ASN A 188 -0.59 2.20 -13.21
C ASN A 188 -1.76 2.91 -12.55
N ILE A 189 -1.50 3.59 -11.44
CA ILE A 189 -2.50 4.40 -10.73
C ILE A 189 -2.02 5.85 -10.79
N TRP A 190 -2.91 6.76 -11.18
CA TRP A 190 -2.54 8.17 -11.31
C TRP A 190 -2.47 8.80 -9.91
N THR A 191 -1.25 9.08 -9.47
CA THR A 191 -0.93 9.58 -8.14
C THR A 191 0.18 10.61 -8.25
N PRO A 192 0.50 11.31 -7.17
CA PRO A 192 1.60 12.26 -7.24
C PRO A 192 2.93 11.61 -7.58
N LEU A 193 3.14 10.36 -7.14
CA LEU A 193 4.35 9.65 -7.53
C LEU A 193 4.41 9.48 -9.05
N TRP A 194 3.30 9.05 -9.66
CA TRP A 194 3.29 8.91 -11.12
C TRP A 194 3.60 10.25 -11.78
N GLU A 195 2.97 11.32 -11.29
CA GLU A 195 3.19 12.64 -11.88
C GLU A 195 4.64 13.07 -11.73
N GLU A 196 5.25 12.82 -10.57
CA GLU A 196 6.64 13.20 -10.33
C GLU A 196 7.58 12.44 -11.25
N LEU A 197 7.36 11.12 -11.41
CA LEU A 197 8.23 10.35 -12.28
C LEU A 197 8.09 10.78 -13.72
N ALA A 198 6.86 11.05 -14.17
CA ALA A 198 6.67 11.50 -15.55
C ALA A 198 7.40 12.82 -15.78
N ALA A 199 7.40 13.71 -14.79
CA ALA A 199 7.98 15.03 -14.95
C ALA A 199 9.49 14.98 -15.15
N LEU A 200 10.13 13.88 -14.75
CA LEU A 200 11.56 13.70 -14.97
C LEU A 200 11.90 13.30 -16.39
N MET A 201 10.93 12.88 -17.17
CA MET A 201 11.21 12.33 -18.48
C MET A 201 11.30 13.43 -19.52
N PRO A 202 11.92 13.15 -20.67
CA PRO A 202 12.07 14.20 -21.69
C PRO A 202 10.75 14.74 -22.20
N ASP A 203 9.74 13.90 -22.36
CA ASP A 203 8.42 14.29 -22.84
C ASP A 203 7.41 13.74 -21.85
N PRO A 204 7.15 14.47 -20.76
CA PRO A 204 6.22 13.96 -19.74
C PRO A 204 4.84 13.60 -20.27
N ARG A 205 4.28 14.43 -21.16
CA ARG A 205 2.95 14.13 -21.69
C ARG A 205 2.96 12.82 -22.48
N ALA A 206 4.00 12.59 -23.27
CA ALA A 206 4.11 11.33 -24.01
C ALA A 206 4.22 10.14 -23.05
N THR A 207 5.01 10.29 -21.99
CA THR A 207 5.14 9.23 -21.00
C THR A 207 3.80 8.91 -20.34
N ILE A 208 3.03 9.95 -20.01
CA ILE A 208 1.71 9.75 -19.41
C ILE A 208 0.78 9.04 -20.37
N ARG A 209 0.75 9.48 -21.63
CA ARG A 209 -0.07 8.82 -22.64
C ARG A 209 0.28 7.34 -22.75
N GLU A 210 1.58 7.03 -22.81
CA GLU A 210 2.00 5.63 -22.86
C GLU A 210 1.52 4.87 -21.64
N GLY A 211 1.57 5.49 -20.46
CA GLY A 211 1.11 4.84 -19.25
C GLY A 211 -0.37 4.52 -19.28
N MET A 212 -1.17 5.42 -19.88
CA MET A 212 -2.59 5.15 -20.03
C MET A 212 -2.86 4.00 -20.98
N LEU A 213 -2.12 3.95 -22.08
CA LEU A 213 -2.41 2.94 -23.09
C LEU A 213 -1.83 1.57 -22.75
N ALA A 214 -1.08 1.45 -21.66
CA ALA A 214 -0.60 0.16 -21.21
C ALA A 214 -1.73 -0.74 -20.71
N GLN A 215 -2.89 -0.16 -20.39
CA GLN A 215 -4.05 -0.90 -19.93
C GLN A 215 -5.04 -1.10 -21.05
N PRO A 216 -5.57 -2.31 -21.23
CA PRO A 216 -6.71 -2.48 -22.14
C PRO A 216 -7.84 -1.50 -21.86
N LEU A 217 -8.05 -1.09 -20.60
CA LEU A 217 -9.10 -0.11 -20.33
C LEU A 217 -8.75 1.30 -20.79
N GLY A 218 -7.51 1.55 -21.21
CA GLY A 218 -7.17 2.81 -21.86
C GLY A 218 -6.99 3.99 -20.94
N ARG A 219 -6.93 3.76 -19.63
CA ARG A 219 -6.72 4.82 -18.65
C ARG A 219 -5.90 4.21 -17.51
N MET A 220 -5.36 5.08 -16.67
CA MET A 220 -4.79 4.64 -15.41
C MET A 220 -5.90 4.49 -14.37
N GLY A 221 -5.55 3.81 -13.27
CA GLY A 221 -6.49 3.65 -12.20
C GLY A 221 -6.49 4.82 -11.24
N GLN A 222 -7.46 4.81 -10.32
CA GLN A 222 -7.61 5.87 -9.33
C GLN A 222 -7.33 5.34 -7.93
N PRO A 223 -6.78 6.18 -7.04
CA PRO A 223 -6.72 5.81 -5.63
C PRO A 223 -8.02 5.27 -5.07
N ALA A 224 -9.16 5.85 -5.47
CA ALA A 224 -10.45 5.38 -4.95
C ALA A 224 -10.72 3.93 -5.32
N GLU A 225 -10.24 3.49 -6.48
CA GLU A 225 -10.45 2.10 -6.89
C GLU A 225 -9.60 1.15 -6.05
N VAL A 226 -8.36 1.53 -5.73
CA VAL A 226 -7.58 0.74 -4.81
C VAL A 226 -8.26 0.73 -3.44
N GLY A 227 -8.79 1.87 -3.03
CA GLY A 227 -9.47 1.95 -1.75
C GLY A 227 -10.66 1.01 -1.65
N ALA A 228 -11.47 0.95 -2.72
CA ALA A 228 -12.62 0.04 -2.70
C ALA A 228 -12.17 -1.41 -2.60
N ALA A 229 -11.09 -1.76 -3.27
CA ALA A 229 -10.56 -3.12 -3.14
C ALA A 229 -10.12 -3.40 -1.71
N ALA A 230 -9.50 -2.41 -1.05
CA ALA A 230 -9.08 -2.59 0.33
C ALA A 230 -10.27 -2.77 1.27
N VAL A 231 -11.31 -1.97 1.10
CA VAL A 231 -12.49 -2.11 1.95
C VAL A 231 -13.14 -3.48 1.75
N PHE A 232 -13.17 -3.95 0.50
CA PHE A 232 -13.67 -5.30 0.24
C PHE A 232 -12.86 -6.34 1.01
N LEU A 233 -11.54 -6.28 0.89
CA LEU A 233 -10.70 -7.27 1.59
C LEU A 233 -10.89 -7.22 3.08
N ALA A 234 -11.04 -6.02 3.65
CA ALA A 234 -11.18 -5.92 5.10
C ALA A 234 -12.54 -6.41 5.58
N SER A 235 -13.60 -6.04 4.87
CA SER A 235 -14.94 -6.09 5.40
C SER A 235 -15.80 -7.23 4.88
N GLU A 236 -15.50 -7.77 3.70
CA GLU A 236 -16.39 -8.73 3.06
C GLU A 236 -15.68 -9.95 2.49
N ALA A 237 -14.39 -10.07 2.65
CA ALA A 237 -13.66 -11.17 2.03
C ALA A 237 -13.23 -12.18 3.10
N ASN A 238 -14.19 -12.68 3.87
CA ASN A 238 -13.87 -13.45 5.06
C ASN A 238 -13.30 -14.84 4.76
N PHE A 239 -13.42 -15.32 3.54
CA PHE A 239 -12.80 -16.57 3.13
C PHE A 239 -11.58 -16.36 2.25
N CYS A 240 -11.09 -15.12 2.14
CA CYS A 240 -9.88 -14.81 1.39
C CYS A 240 -8.72 -14.56 2.33
N THR A 241 -7.67 -15.35 2.20
CA THR A 241 -6.42 -15.08 2.86
C THR A 241 -5.28 -15.49 1.94
N GLY A 242 -4.22 -14.70 1.94
CA GLY A 242 -3.09 -14.96 1.07
C GLY A 242 -3.33 -14.67 -0.39
N ILE A 243 -4.35 -13.88 -0.74
CA ILE A 243 -4.61 -13.58 -2.14
C ILE A 243 -3.87 -12.33 -2.56
N GLU A 244 -3.66 -12.24 -3.86
CA GLU A 244 -3.13 -11.06 -4.55
C GLU A 244 -4.23 -10.52 -5.45
N LEU A 245 -4.83 -9.41 -5.06
N LEU A 245 -4.86 -9.43 -5.04
CA LEU A 245 -5.96 -8.83 -5.78
CA LEU A 245 -5.96 -8.84 -5.79
C LEU A 245 -5.43 -7.79 -6.75
C LEU A 245 -5.40 -7.81 -6.76
N LEU A 246 -5.54 -8.07 -8.05
CA LEU A 246 -4.97 -7.21 -9.09
C LEU A 246 -5.91 -6.05 -9.38
N VAL A 247 -5.37 -4.83 -9.31
CA VAL A 247 -6.10 -3.61 -9.65
C VAL A 247 -5.25 -2.88 -10.69
N THR A 248 -5.36 -3.36 -11.94
CA THR A 248 -4.38 -3.06 -12.97
C THR A 248 -4.98 -2.66 -14.31
N GLY A 249 -6.30 -2.67 -14.47
CA GLY A 249 -6.89 -2.35 -15.74
C GLY A 249 -6.58 -3.33 -16.85
N GLY A 250 -6.17 -4.54 -16.51
CA GLY A 250 -5.84 -5.54 -17.51
C GLY A 250 -4.43 -5.49 -18.08
N ALA A 251 -3.52 -4.70 -17.49
CA ALA A 251 -2.19 -4.51 -18.07
C ALA A 251 -1.44 -5.83 -18.24
N GLU A 252 -1.70 -6.81 -17.38
CA GLU A 252 -1.02 -8.09 -17.45
C GLU A 252 -1.56 -9.00 -18.54
N LEU A 253 -2.67 -8.64 -19.18
CA LEU A 253 -3.30 -9.51 -20.17
C LEU A 253 -2.64 -9.34 -21.53
N GLY A 254 -2.50 -10.44 -22.24
CA GLY A 254 -1.96 -10.37 -23.58
C GLY A 254 -0.49 -9.94 -23.57
N TYR A 255 -0.04 -9.55 -24.74
CA TYR A 255 1.36 -9.19 -24.94
C TYR A 255 1.43 -8.09 -25.99
N ALA A 267 15.96 -12.59 -40.31
CA ALA A 267 14.89 -13.58 -40.39
C ALA A 267 14.02 -13.46 -39.13
N PRO A 268 12.76 -13.91 -39.22
CA PRO A 268 11.84 -13.65 -38.10
C PRO A 268 12.24 -14.33 -36.81
N ASP A 269 12.96 -15.44 -36.89
CA ASP A 269 13.21 -16.31 -35.74
C ASP A 269 14.69 -16.37 -35.38
N ILE A 270 15.46 -15.35 -35.77
CA ILE A 270 16.82 -15.20 -35.30
C ILE A 270 17.14 -13.72 -35.17
PA NAD B . 2.94 8.43 -3.42
O1A NAD B . 4.39 8.77 -3.44
O2A NAD B . 2.00 9.34 -4.17
O5B NAD B . 2.44 8.37 -1.92
C5B NAD B . 3.22 7.62 -0.97
C4B NAD B . 2.94 8.17 0.40
O4B NAD B . 3.73 7.40 1.34
C3B NAD B . 3.34 9.64 0.59
O3B NAD B . 2.36 10.40 1.30
C2B NAD B . 4.68 9.53 1.32
O2B NAD B . 5.03 10.64 2.12
C1B NAD B . 4.43 8.29 2.17
N9A NAD B . 5.65 7.64 2.64
C8A NAD B . 6.81 7.45 1.93
N7A NAD B . 7.79 6.94 2.64
C5A NAD B . 7.22 6.79 3.90
C6A NAD B . 7.76 6.33 5.12
N6A NAD B . 9.04 5.95 5.29
N1A NAD B . 6.93 6.29 6.19
C2A NAD B . 5.67 6.71 6.04
N3A NAD B . 5.07 7.18 4.94
C4A NAD B . 5.91 7.19 3.90
O3 NAD B . 2.79 6.94 -3.94
PN NAD B . 1.57 6.10 -4.54
O1N NAD B . 0.33 6.53 -3.87
O2N NAD B . 1.66 6.12 -6.01
O5D NAD B . 1.98 4.63 -4.07
C5D NAD B . 1.46 4.04 -2.86
C4D NAD B . 1.81 2.58 -2.83
O4D NAD B . 1.28 1.95 -4.03
C3D NAD B . 3.31 2.27 -2.81
O3D NAD B . 3.58 1.09 -2.06
C2D NAD B . 3.61 1.98 -4.27
O2D NAD B . 4.76 1.18 -4.44
C1D NAD B . 2.33 1.27 -4.67
N1N NAD B . 2.06 1.25 -6.14
C2N NAD B . 1.81 2.40 -6.80
C3N NAD B . 1.59 2.39 -8.16
C7N NAD B . 1.24 3.58 -9.00
O7N NAD B . 1.11 3.45 -10.22
N7N NAD B . 1.09 4.77 -8.38
C4N NAD B . 1.62 1.17 -8.83
C5N NAD B . 1.86 0.00 -8.13
C6N NAD B . 2.07 0.06 -6.77
NA NA C . -10.46 14.24 11.46
C2 BGC D . -5.17 12.70 -6.62
C3 BGC D . -5.58 13.36 -7.93
C4 BGC D . -4.35 13.81 -8.71
C5 BGC D . -3.41 12.61 -8.88
C6 BGC D . -2.12 12.96 -9.59
C1 BGC D . -4.17 11.57 -6.89
O1 BGC D . -3.75 10.99 -5.70
O2 BGC D . -6.31 12.15 -5.96
O3 BGC D . -6.41 14.49 -7.67
O4 BGC D . -4.73 14.27 -10.00
O5 BGC D . -3.04 12.11 -7.59
O6 BGC D . -1.34 13.87 -8.83
C1 9MK E . 7.68 5.90 -15.08
C2 9MK E . 8.23 4.62 -15.08
C9 9MK E . 2.85 -0.27 -13.39
C8 9MK E . 3.46 0.85 -12.85
C7 9MK E . 3.99 0.80 -11.57
C4 9MK E . 6.63 3.87 -13.43
C3 9MK E . 7.74 3.63 -14.29
C16 9MK E . 6.60 6.15 -14.26
C6 9MK E . 4.66 2.00 -10.97
C5 9MK E . 5.14 3.13 -11.84
C10 9MK E . 2.79 -1.42 -12.63
C15 9MK E . 6.07 5.16 -13.41
C14 9MK E . 5.00 5.39 -12.53
C13 9MK E . 4.54 4.38 -11.74
C12 9MK E . 3.92 -0.36 -10.83
O 9MK E . 4.81 2.06 -9.76
C11 9MK E . 3.31 -1.49 -11.35
F 9MK E . 2.19 -2.51 -13.16
O1 9MK E . 3.26 -2.67 -10.66
N 9MK E . 6.16 2.86 -12.65
C 9MK E . 8.26 6.97 -15.98
#